data_6ST2
#
_entry.id   6ST2
#
_cell.length_a   71.891
_cell.length_b   71.891
_cell.length_c   204.057
_cell.angle_alpha   90.000
_cell.angle_beta   90.000
_cell.angle_gamma   90.000
#
_symmetry.space_group_name_H-M   'P 41 2 2'
#
loop_
_entity.id
_entity.type
_entity.pdbx_description
1 polymer 'Bcl-2-like protein 1'
2 polymer 'Affimer AF6'
3 non-polymer 'SULFATE ION'
4 water water
#
loop_
_entity_poly.entity_id
_entity_poly.type
_entity_poly.pdbx_seq_one_letter_code
_entity_poly.pdbx_strand_id
1 'polypeptide(L)'
;MSQSNRELVVDFLSYKLSQKGYSWSQMAAVKQALREAGDEFELRYRRAFSDLTSQLHITPGTAYQSFEQVVNELFRDGVN
WGRIVAFFSFGGALCVESVDKEMQVLVSRIAAWMATYLNDHLEPWIQENGGWDTFVELYGNNAAAESRKGQER
;
A,B
2 'polypeptide(L)'
;SENSLEIEELARFAVDEHNKKENALLEFVRVVKAKEQERNSIFEEFTMYYLTLEAKDGGKKKLYEAKVWVKRDLVFGGPE
NFKELQEFKPV
;
C,D
#
# COMPACT_ATOMS: atom_id res chain seq x y z
N MET A 1 19.65 -21.25 9.72
CA MET A 1 19.96 -22.13 8.56
C MET A 1 19.36 -21.51 7.27
N SER A 2 18.04 -21.56 7.10
CA SER A 2 17.32 -21.16 5.85
C SER A 2 17.58 -19.68 5.53
N GLN A 3 18.30 -19.41 4.44
CA GLN A 3 18.58 -18.03 3.97
C GLN A 3 17.30 -17.36 3.46
N SER A 4 16.34 -18.13 2.93
CA SER A 4 15.03 -17.62 2.45
C SER A 4 14.21 -17.11 3.65
N ASN A 5 14.18 -17.88 4.74
CA ASN A 5 13.43 -17.50 5.96
C ASN A 5 14.04 -16.22 6.55
N ARG A 6 15.37 -16.12 6.57
CA ARG A 6 16.07 -14.89 7.06
C ARG A 6 15.63 -13.69 6.21
N GLU A 7 15.63 -13.85 4.88
CA GLU A 7 15.22 -12.77 3.97
C GLU A 7 13.75 -12.37 4.24
N LEU A 8 12.86 -13.32 4.52
CA LEU A 8 11.42 -12.99 4.79
C LEU A 8 11.29 -12.24 6.12
N VAL A 9 12.07 -12.63 7.14
CA VAL A 9 12.10 -11.94 8.46
C VAL A 9 12.51 -10.49 8.21
N VAL A 10 13.62 -10.27 7.50
CA VAL A 10 14.16 -8.89 7.27
C VAL A 10 13.14 -8.08 6.47
N ASP A 11 12.56 -8.65 5.41
CA ASP A 11 11.57 -7.96 4.57
C ASP A 11 10.36 -7.54 5.42
N PHE A 12 9.85 -8.46 6.24
CA PHE A 12 8.63 -8.18 7.03
C PHE A 12 8.92 -7.10 8.08
N LEU A 13 10.04 -7.20 8.78
CA LEU A 13 10.43 -6.18 9.80
C LEU A 13 10.65 -4.81 9.12
N SER A 14 11.30 -4.79 7.95
CA SER A 14 11.52 -3.54 7.18
C SER A 14 10.19 -2.87 6.87
N TYR A 15 9.22 -3.65 6.42
CA TYR A 15 7.84 -3.20 6.13
C TYR A 15 7.17 -2.60 7.36
N LYS A 16 7.14 -3.35 8.46
CA LYS A 16 6.44 -2.92 9.70
C LYS A 16 7.07 -1.62 10.21
N LEU A 17 8.40 -1.54 10.21
CA LEU A 17 9.08 -0.30 10.66
C LEU A 17 8.66 0.86 9.76
N SER A 18 8.70 0.67 8.45
CA SER A 18 8.39 1.72 7.43
C SER A 18 6.97 2.25 7.66
N GLN A 19 6.02 1.40 8.07
CA GLN A 19 4.60 1.81 8.30
C GLN A 19 4.48 2.80 9.46
N LYS A 20 5.46 2.80 10.36
CA LYS A 20 5.52 3.68 11.56
C LYS A 20 6.49 4.83 11.33
N GLY A 21 7.08 4.94 10.14
CA GLY A 21 7.99 6.04 9.77
C GLY A 21 9.45 5.75 10.15
N TYR A 22 9.77 4.50 10.48
CA TYR A 22 11.16 4.08 10.82
C TYR A 22 11.71 3.36 9.59
N SER A 23 13.02 3.18 9.53
CA SER A 23 13.71 2.56 8.36
C SER A 23 14.66 1.47 8.86
N TRP A 24 14.59 0.28 8.26
CA TRP A 24 15.55 -0.82 8.52
C TRP A 24 16.98 -0.36 8.28
N SER A 25 17.19 0.45 7.24
CA SER A 25 18.51 0.85 6.70
C SER A 25 18.34 2.10 5.85
N GLN A 26 19.44 2.77 5.48
CA GLN A 26 19.38 3.94 4.57
C GLN A 26 18.88 3.45 3.21
N MET A 27 19.33 2.29 2.73
CA MET A 27 18.83 1.72 1.44
C MET A 27 17.30 1.50 1.50
N ALA A 28 16.78 0.98 2.62
CA ALA A 28 15.34 0.72 2.75
C ALA A 28 14.59 2.06 2.65
N ALA A 29 15.14 3.15 3.21
CA ALA A 29 14.53 4.49 3.17
C ALA A 29 14.51 5.03 1.74
N VAL A 30 15.56 4.80 0.96
CA VAL A 30 15.64 5.25 -0.45
C VAL A 30 14.57 4.50 -1.25
N LYS A 31 14.45 3.18 -1.06
CA LYS A 31 13.48 2.33 -1.80
C LYS A 31 12.06 2.81 -1.50
N GLN A 32 11.75 3.07 -0.23
CA GLN A 32 10.41 3.49 0.22
C GLN A 32 10.08 4.88 -0.38
N ALA A 33 11.03 5.82 -0.39
CA ALA A 33 10.82 7.18 -0.93
C ALA A 33 10.56 7.10 -2.43
N LEU A 34 11.31 6.28 -3.17
CA LEU A 34 11.13 6.12 -4.63
C LEU A 34 9.78 5.46 -4.92
N ARG A 35 9.38 4.42 -4.18
CA ARG A 35 8.03 3.80 -4.30
C ARG A 35 6.96 4.89 -4.14
N GLU A 36 7.03 5.69 -3.07
CA GLU A 36 6.03 6.76 -2.77
C GLU A 36 6.04 7.82 -3.87
N ALA A 37 7.22 8.23 -4.36
CA ALA A 37 7.36 9.26 -5.41
C ALA A 37 6.73 8.75 -6.70
N GLY A 38 6.99 7.48 -7.05
CA GLY A 38 6.45 6.88 -8.27
C GLY A 38 4.93 6.89 -8.21
N ASP A 39 4.36 6.52 -7.05
CA ASP A 39 2.89 6.55 -6.84
C ASP A 39 2.38 8.00 -7.05
N GLU A 40 3.00 8.99 -6.43
CA GLU A 40 2.56 10.40 -6.53
C GLU A 40 2.61 10.83 -8.01
N PHE A 41 3.71 10.51 -8.71
CA PHE A 41 3.93 10.91 -10.11
C PHE A 41 2.77 10.36 -10.98
N GLU A 42 2.43 9.10 -10.78
CA GLU A 42 1.43 8.40 -11.63
C GLU A 42 0.03 8.98 -11.35
N LEU A 43 -0.23 9.47 -10.15
CA LEU A 43 -1.54 10.10 -9.81
C LEU A 43 -1.57 11.49 -10.43
N ARG A 44 -0.49 12.27 -10.28
CA ARG A 44 -0.52 13.70 -10.70
C ARG A 44 -0.44 13.84 -12.23
N TYR A 45 0.35 12.99 -12.88
CA TYR A 45 0.69 13.14 -14.32
C TYR A 45 0.04 12.06 -15.16
N ARG A 46 -1.08 11.52 -14.71
CA ARG A 46 -1.73 10.39 -15.42
C ARG A 46 -1.83 10.71 -16.92
N ARG A 47 -2.33 11.89 -17.27
CA ARG A 47 -2.62 12.24 -18.69
C ARG A 47 -1.31 12.39 -19.48
N ALA A 48 -0.38 13.22 -18.98
CA ALA A 48 0.90 13.52 -19.68
C ALA A 48 1.76 12.25 -19.72
N PHE A 49 1.73 11.46 -18.67
CA PHE A 49 2.49 10.18 -18.60
C PHE A 49 1.98 9.23 -19.68
N SER A 50 0.67 9.20 -19.96
CA SER A 50 0.05 8.34 -21.01
C SER A 50 0.57 8.75 -22.40
N ASP A 51 0.92 10.03 -22.58
CA ASP A 51 1.48 10.56 -23.84
C ASP A 51 2.93 10.04 -24.01
N LEU A 52 3.63 9.78 -22.90
CA LEU A 52 5.03 9.27 -22.90
C LEU A 52 5.02 7.76 -23.14
N THR A 53 4.13 7.02 -22.48
CA THR A 53 4.14 5.52 -22.52
C THR A 53 3.70 5.05 -23.89
N SER A 54 2.83 5.82 -24.56
CA SER A 54 2.24 5.47 -25.88
C SER A 54 3.33 5.48 -26.96
N GLN A 55 4.45 6.17 -26.73
CA GLN A 55 5.55 6.36 -27.73
C GLN A 55 6.38 5.09 -27.92
N LEU A 56 6.35 4.15 -26.97
CA LEU A 56 7.16 2.91 -27.06
C LEU A 56 6.36 1.72 -26.55
N HIS A 57 6.15 0.74 -27.42
CA HIS A 57 5.66 -0.62 -27.08
C HIS A 57 6.79 -1.61 -27.37
N ILE A 58 7.34 -2.25 -26.33
CA ILE A 58 8.55 -3.12 -26.45
C ILE A 58 8.14 -4.49 -26.99
N THR A 59 8.93 -5.01 -27.94
CA THR A 59 8.82 -6.38 -28.50
C THR A 59 10.19 -7.03 -28.46
N PRO A 60 10.29 -8.35 -28.77
CA PRO A 60 11.59 -9.02 -28.79
C PRO A 60 12.60 -8.32 -29.72
N GLY A 61 12.10 -7.60 -30.74
CA GLY A 61 12.91 -6.90 -31.76
C GLY A 61 13.53 -5.61 -31.24
N THR A 62 12.85 -4.91 -30.33
CA THR A 62 13.23 -3.54 -29.86
C THR A 62 14.67 -3.51 -29.35
N ALA A 63 15.50 -2.60 -29.86
CA ALA A 63 16.89 -2.37 -29.41
C ALA A 63 16.91 -1.34 -28.28
N TYR A 64 17.94 -1.37 -27.44
CA TYR A 64 18.19 -0.40 -26.35
C TYR A 64 18.10 1.04 -26.88
N GLN A 65 18.48 1.25 -28.14
CA GLN A 65 18.64 2.58 -28.78
C GLN A 65 17.28 3.27 -28.83
N SER A 66 16.21 2.52 -29.12
CA SER A 66 14.80 2.98 -29.20
C SER A 66 14.30 3.40 -27.81
N PHE A 67 14.66 2.64 -26.77
CA PHE A 67 14.37 2.96 -25.35
C PHE A 67 15.09 4.25 -24.97
N GLU A 68 16.41 4.29 -25.19
CA GLU A 68 17.31 5.44 -24.92
C GLU A 68 16.76 6.72 -25.59
N GLN A 69 16.29 6.60 -26.82
CA GLN A 69 15.84 7.75 -27.66
C GLN A 69 14.60 8.36 -27.01
N VAL A 70 13.66 7.55 -26.51
CA VAL A 70 12.43 8.06 -25.86
C VAL A 70 12.81 8.64 -24.48
N VAL A 71 13.60 7.92 -23.68
CA VAL A 71 13.96 8.39 -22.30
C VAL A 71 14.76 9.69 -22.43
N ASN A 72 15.59 9.81 -23.46
CA ASN A 72 16.40 11.01 -23.79
C ASN A 72 15.50 12.24 -23.87
N GLU A 73 14.29 12.11 -24.44
CA GLU A 73 13.27 13.21 -24.47
C GLU A 73 13.06 13.78 -23.07
N LEU A 74 12.76 12.92 -22.10
CA LEU A 74 12.53 13.26 -20.66
C LEU A 74 13.60 14.23 -20.14
N PHE A 75 14.86 14.02 -20.51
CA PHE A 75 16.04 14.68 -19.89
C PHE A 75 16.62 15.74 -20.83
N ARG A 76 15.89 16.12 -21.87
CA ARG A 76 16.37 17.07 -22.92
C ARG A 76 16.71 18.39 -22.22
N ASP A 77 15.87 18.84 -21.29
CA ASP A 77 16.00 20.16 -20.59
C ASP A 77 16.92 20.04 -19.37
N GLY A 78 17.55 18.88 -19.15
CA GLY A 78 18.37 18.61 -17.96
C GLY A 78 17.77 17.53 -17.07
N VAL A 79 18.53 17.11 -16.08
CA VAL A 79 18.12 16.08 -15.09
C VAL A 79 17.64 16.81 -13.84
N ASN A 80 16.55 16.35 -13.23
CA ASN A 80 16.13 16.74 -11.86
C ASN A 80 15.46 15.50 -11.24
N TRP A 81 15.16 15.55 -9.94
CA TRP A 81 14.63 14.39 -9.19
C TRP A 81 13.26 14.01 -9.79
N GLY A 82 12.46 14.99 -10.25
CA GLY A 82 11.11 14.65 -10.75
C GLY A 82 11.19 13.82 -12.02
N ARG A 83 12.11 14.19 -12.93
CA ARG A 83 12.32 13.50 -14.21
C ARG A 83 12.90 12.10 -13.96
N ILE A 84 13.80 11.97 -12.98
CA ILE A 84 14.35 10.63 -12.55
C ILE A 84 13.18 9.75 -12.10
N VAL A 85 12.26 10.28 -11.30
CA VAL A 85 11.06 9.51 -10.84
C VAL A 85 10.25 9.11 -12.07
N ALA A 86 10.03 10.03 -13.00
CA ALA A 86 9.29 9.74 -14.25
C ALA A 86 9.96 8.57 -14.98
N PHE A 87 11.29 8.56 -15.05
CA PHE A 87 12.10 7.53 -15.74
C PHE A 87 11.77 6.15 -15.14
N PHE A 88 11.81 6.06 -13.81
CA PHE A 88 11.47 4.83 -13.05
C PHE A 88 10.05 4.39 -13.36
N SER A 89 9.10 5.33 -13.31
CA SER A 89 7.68 5.09 -13.64
C SER A 89 7.55 4.60 -15.08
N PHE A 90 8.27 5.19 -16.03
CA PHE A 90 8.23 4.75 -17.44
C PHE A 90 8.62 3.28 -17.53
N GLY A 91 9.74 2.92 -16.91
CA GLY A 91 10.21 1.52 -16.90
C GLY A 91 9.17 0.59 -16.27
N GLY A 92 8.55 1.02 -15.18
CA GLY A 92 7.48 0.26 -14.52
C GLY A 92 6.34 -0.03 -15.46
N ALA A 93 5.94 0.98 -16.25
CA ALA A 93 4.82 0.86 -17.21
C ALA A 93 5.18 -0.14 -18.31
N LEU A 94 6.42 -0.08 -18.82
CA LEU A 94 6.93 -1.02 -19.86
C LEU A 94 6.92 -2.46 -19.36
N CYS A 95 7.26 -2.69 -18.09
CA CYS A 95 7.25 -4.03 -17.44
C CYS A 95 5.81 -4.54 -17.30
N VAL A 96 4.89 -3.70 -16.82
CA VAL A 96 3.46 -4.12 -16.71
C VAL A 96 2.91 -4.46 -18.10
N GLU A 97 3.16 -3.62 -19.12
CA GLU A 97 2.71 -3.83 -20.52
C GLU A 97 3.25 -5.17 -21.03
N SER A 98 4.53 -5.46 -20.76
CA SER A 98 5.20 -6.73 -21.16
C SER A 98 4.45 -7.91 -20.54
N VAL A 99 4.14 -7.87 -19.25
CA VAL A 99 3.51 -9.04 -18.57
C VAL A 99 2.06 -9.16 -19.08
N ASP A 100 1.38 -8.04 -19.32
CA ASP A 100 0.01 -8.01 -19.90
C ASP A 100 0.00 -8.74 -21.25
N LYS A 101 1.07 -8.63 -22.06
CA LYS A 101 1.17 -9.32 -23.38
C LYS A 101 1.81 -10.72 -23.26
N GLU A 102 1.89 -11.28 -22.06
CA GLU A 102 2.44 -12.65 -21.81
C GLU A 102 3.90 -12.70 -22.29
N MET A 103 4.68 -11.66 -22.00
CA MET A 103 6.11 -11.56 -22.39
C MET A 103 6.94 -11.12 -21.18
N GLN A 104 6.82 -11.83 -20.06
CA GLN A 104 7.54 -11.51 -18.80
C GLN A 104 9.06 -11.55 -19.03
N VAL A 105 9.52 -12.33 -20.00
CA VAL A 105 10.98 -12.38 -20.31
C VAL A 105 11.53 -10.97 -20.56
N LEU A 106 10.72 -10.04 -21.10
CA LEU A 106 11.16 -8.66 -21.40
C LEU A 106 11.41 -7.84 -20.13
N VAL A 107 10.82 -8.23 -18.99
CA VAL A 107 11.01 -7.51 -17.70
C VAL A 107 12.51 -7.46 -17.34
N SER A 108 13.23 -8.58 -17.46
CA SER A 108 14.68 -8.61 -17.11
C SER A 108 15.46 -7.70 -18.06
N ARG A 109 15.04 -7.63 -19.33
CA ARG A 109 15.74 -6.83 -20.36
C ARG A 109 15.50 -5.35 -20.03
N ILE A 110 14.27 -4.98 -19.67
CA ILE A 110 13.92 -3.57 -19.32
C ILE A 110 14.69 -3.14 -18.06
N ALA A 111 14.80 -4.02 -17.06
CA ALA A 111 15.56 -3.74 -15.82
C ALA A 111 17.03 -3.47 -16.15
N ALA A 112 17.60 -4.27 -17.07
CA ALA A 112 18.99 -4.12 -17.57
C ALA A 112 19.10 -2.78 -18.29
N TRP A 113 18.15 -2.47 -19.19
CA TRP A 113 18.16 -1.20 -19.96
C TRP A 113 18.13 -0.01 -18.99
N MET A 114 17.28 -0.08 -17.97
CA MET A 114 17.12 1.02 -17.00
C MET A 114 18.43 1.18 -16.23
N ALA A 115 19.05 0.09 -15.78
CA ALA A 115 20.33 0.14 -15.01
C ALA A 115 21.43 0.74 -15.90
N THR A 116 21.46 0.37 -17.19
CA THR A 116 22.45 0.89 -18.17
C THR A 116 22.23 2.40 -18.30
N TYR A 117 20.98 2.80 -18.53
CA TYR A 117 20.62 4.24 -18.73
C TYR A 117 20.98 5.03 -17.48
N LEU A 118 20.68 4.51 -16.30
CA LEU A 118 20.99 5.22 -15.02
C LEU A 118 22.48 5.48 -14.95
N ASN A 119 23.29 4.42 -15.00
CA ASN A 119 24.76 4.50 -14.81
C ASN A 119 25.35 5.38 -15.92
N ASP A 120 24.92 5.23 -17.17
CA ASP A 120 25.45 6.00 -18.33
C ASP A 120 25.08 7.49 -18.25
N HIS A 121 23.80 7.82 -18.08
CA HIS A 121 23.24 9.18 -18.31
C HIS A 121 22.87 9.91 -17.01
N LEU A 122 22.67 9.25 -15.87
CA LEU A 122 22.01 9.91 -14.71
C LEU A 122 22.92 9.90 -13.47
N GLU A 123 23.75 8.87 -13.30
CA GLU A 123 24.58 8.67 -12.09
C GLU A 123 25.51 9.88 -11.88
N PRO A 124 26.13 10.48 -12.91
CA PRO A 124 26.97 11.67 -12.70
C PRO A 124 26.19 12.81 -12.03
N TRP A 125 24.94 13.04 -12.45
CA TRP A 125 24.08 14.13 -11.91
C TRP A 125 23.68 13.78 -10.48
N ILE A 126 23.28 12.52 -10.24
CA ILE A 126 22.89 12.03 -8.88
C ILE A 126 24.03 12.31 -7.90
N GLN A 127 25.27 11.90 -8.25
CA GLN A 127 26.45 12.01 -7.35
C GLN A 127 26.75 13.48 -7.04
N GLU A 128 26.69 14.35 -8.06
CA GLU A 128 27.05 15.77 -7.85
C GLU A 128 25.86 16.50 -7.20
N ASN A 129 24.69 15.85 -7.08
CA ASN A 129 23.50 16.46 -6.44
C ASN A 129 23.19 15.78 -5.10
N GLY A 130 24.20 15.13 -4.49
CA GLY A 130 24.17 14.63 -3.10
C GLY A 130 23.68 13.19 -3.02
N GLY A 131 23.48 12.52 -4.16
CA GLY A 131 23.10 11.11 -4.20
C GLY A 131 21.66 10.89 -3.74
N TRP A 132 21.26 9.62 -3.56
CA TRP A 132 19.88 9.23 -3.19
C TRP A 132 19.54 9.66 -1.76
N ASP A 133 20.55 9.88 -0.91
CA ASP A 133 20.30 10.33 0.49
C ASP A 133 19.64 11.71 0.46
N THR A 134 20.03 12.56 -0.50
CA THR A 134 19.46 13.92 -0.73
C THR A 134 18.00 13.76 -1.14
N PHE A 135 17.72 12.85 -2.07
CA PHE A 135 16.34 12.53 -2.53
C PHE A 135 15.44 12.21 -1.32
N VAL A 136 15.89 11.36 -0.38
CA VAL A 136 15.13 10.92 0.83
C VAL A 136 14.81 12.10 1.78
N GLU A 137 15.81 12.92 2.11
CA GLU A 137 15.64 14.03 3.08
C GLU A 137 14.58 14.99 2.53
N LEU A 138 14.72 15.29 1.25
CA LEU A 138 13.83 16.20 0.49
C LEU A 138 12.39 15.63 0.47
N TYR A 139 12.22 14.39 -0.01
CA TYR A 139 10.93 13.81 -0.45
C TYR A 139 10.38 12.79 0.57
N GLY A 140 11.24 12.05 1.28
CA GLY A 140 10.86 10.97 2.20
C GLY A 140 9.85 11.42 3.25
N ASN A 141 8.88 10.54 3.54
CA ASN A 141 8.00 10.59 4.73
C ASN A 141 8.67 9.73 5.82
N ASN A 142 9.42 10.36 6.72
CA ASN A 142 10.23 9.64 7.75
C ASN A 142 9.93 10.25 9.12
N ALA A 143 10.00 9.44 10.18
CA ALA A 143 9.83 9.88 11.58
C ALA A 143 11.07 10.64 12.04
N SER B 2 25.54 1.89 -8.60
CA SER B 2 25.66 0.93 -9.75
C SER B 2 25.02 -0.41 -9.37
N GLN B 3 25.56 -1.09 -8.35
CA GLN B 3 24.89 -2.26 -7.74
C GLN B 3 23.71 -1.75 -6.89
N SER B 4 23.89 -0.62 -6.22
CA SER B 4 22.80 0.12 -5.50
C SER B 4 21.75 0.57 -6.54
N ASN B 5 22.17 1.06 -7.71
CA ASN B 5 21.28 1.51 -8.81
C ASN B 5 20.49 0.30 -9.37
N ARG B 6 21.13 -0.87 -9.53
CA ARG B 6 20.44 -2.13 -9.91
C ARG B 6 19.40 -2.47 -8.83
N GLU B 7 19.78 -2.39 -7.56
CA GLU B 7 18.89 -2.79 -6.44
C GLU B 7 17.66 -1.87 -6.42
N LEU B 8 17.83 -0.58 -6.69
CA LEU B 8 16.67 0.37 -6.72
C LEU B 8 15.75 0.01 -7.89
N VAL B 9 16.32 -0.20 -9.06
CA VAL B 9 15.54 -0.59 -10.28
C VAL B 9 14.73 -1.83 -9.95
N VAL B 10 15.35 -2.88 -9.40
CA VAL B 10 14.63 -4.14 -9.13
C VAL B 10 13.54 -3.90 -8.08
N ASP B 11 13.83 -3.17 -7.01
CA ASP B 11 12.83 -2.92 -5.96
C ASP B 11 11.63 -2.18 -6.59
N PHE B 12 11.90 -1.19 -7.42
CA PHE B 12 10.84 -0.30 -7.95
C PHE B 12 9.96 -1.11 -8.90
N LEU B 13 10.59 -1.81 -9.83
CA LEU B 13 9.86 -2.67 -10.80
C LEU B 13 9.07 -3.76 -10.06
N SER B 14 9.62 -4.37 -9.01
CA SER B 14 8.94 -5.38 -8.18
C SER B 14 7.66 -4.78 -7.58
N TYR B 15 7.76 -3.57 -7.06
CA TYR B 15 6.61 -2.83 -6.48
C TYR B 15 5.56 -2.60 -7.56
N LYS B 16 5.96 -2.00 -8.68
CA LYS B 16 5.02 -1.65 -9.80
C LYS B 16 4.33 -2.92 -10.31
N LEU B 17 5.05 -4.04 -10.45
CA LEU B 17 4.43 -5.32 -10.86
C LEU B 17 3.42 -5.76 -9.79
N SER B 18 3.80 -5.72 -8.52
CA SER B 18 2.93 -6.13 -7.38
C SER B 18 1.60 -5.34 -7.37
N GLN B 19 1.62 -4.05 -7.72
CA GLN B 19 0.40 -3.20 -7.70
C GLN B 19 -0.64 -3.70 -8.70
N LYS B 20 -0.24 -4.44 -9.75
CA LYS B 20 -1.14 -4.95 -10.81
C LYS B 20 -1.46 -6.44 -10.60
N GLY B 21 -0.93 -7.06 -9.55
CA GLY B 21 -1.11 -8.49 -9.24
C GLY B 21 -0.07 -9.36 -9.91
N TYR B 22 1.00 -8.79 -10.45
CA TYR B 22 2.13 -9.55 -11.04
C TYR B 22 3.24 -9.60 -10.01
N SER B 23 4.30 -10.35 -10.28
CA SER B 23 5.43 -10.42 -9.34
C SER B 23 6.74 -10.53 -10.13
N TRP B 24 7.77 -9.95 -9.56
CA TRP B 24 9.15 -10.03 -10.10
C TRP B 24 9.61 -11.49 -10.09
N SER B 25 9.32 -12.21 -9.01
CA SER B 25 9.84 -13.55 -8.71
C SER B 25 8.89 -14.20 -7.69
N GLN B 26 9.05 -15.50 -7.47
CA GLN B 26 8.24 -16.18 -6.44
C GLN B 26 8.58 -15.62 -5.05
N MET B 27 9.84 -15.34 -4.78
CA MET B 27 10.22 -14.72 -3.48
C MET B 27 9.50 -13.38 -3.32
N ALA B 28 9.46 -12.54 -4.36
CA ALA B 28 8.77 -11.23 -4.29
C ALA B 28 7.29 -11.45 -3.98
N ALA B 29 6.68 -12.48 -4.56
CA ALA B 29 5.25 -12.80 -4.33
C ALA B 29 5.05 -13.24 -2.87
N VAL B 30 5.98 -13.99 -2.29
CA VAL B 30 5.86 -14.42 -0.88
C VAL B 30 5.98 -13.19 0.02
N LYS B 31 6.95 -12.32 -0.22
CA LYS B 31 7.16 -11.09 0.59
C LYS B 31 5.87 -10.27 0.58
N GLN B 32 5.27 -10.08 -0.61
CA GLN B 32 4.05 -9.25 -0.75
C GLN B 32 2.90 -9.92 -0.02
N ALA B 33 2.71 -11.23 -0.17
CA ALA B 33 1.62 -11.95 0.51
C ALA B 33 1.77 -11.86 2.03
N LEU B 34 2.98 -12.00 2.55
CA LEU B 34 3.23 -11.98 4.01
C LEU B 34 3.02 -10.56 4.55
N ARG B 35 3.49 -9.53 3.83
CA ARG B 35 3.18 -8.12 4.18
C ARG B 35 1.67 -7.90 4.31
N GLU B 36 0.91 -8.28 3.28
CA GLU B 36 -0.57 -8.13 3.25
C GLU B 36 -1.21 -8.91 4.39
N ALA B 37 -0.75 -10.14 4.61
CA ALA B 37 -1.32 -11.04 5.65
C ALA B 37 -1.10 -10.45 7.05
N GLY B 38 0.05 -9.87 7.29
CA GLY B 38 0.38 -9.16 8.55
C GLY B 38 -0.60 -8.01 8.78
N ASP B 39 -0.84 -7.20 7.76
CA ASP B 39 -1.76 -6.05 7.86
C ASP B 39 -3.17 -6.55 8.19
N GLU B 40 -3.64 -7.57 7.47
CA GLU B 40 -4.98 -8.19 7.70
C GLU B 40 -5.07 -8.72 9.13
N PHE B 41 -4.02 -9.41 9.61
CA PHE B 41 -3.97 -10.01 10.97
C PHE B 41 -4.14 -8.90 12.02
N GLU B 42 -3.36 -7.84 11.89
CA GLU B 42 -3.32 -6.71 12.86
C GLU B 42 -4.70 -6.02 12.87
N LEU B 43 -5.43 -6.03 11.76
CA LEU B 43 -6.82 -5.50 11.64
C LEU B 43 -7.81 -6.41 12.36
N ARG B 44 -7.79 -7.70 12.03
CA ARG B 44 -8.84 -8.68 12.48
C ARG B 44 -8.66 -8.99 13.96
N TYR B 45 -7.41 -8.99 14.47
CA TYR B 45 -7.06 -9.52 15.80
C TYR B 45 -6.49 -8.42 16.70
N ARG B 46 -6.92 -7.18 16.46
CA ARG B 46 -6.40 -6.01 17.21
C ARG B 46 -6.40 -6.31 18.72
N ARG B 47 -7.52 -6.80 19.26
CA ARG B 47 -7.71 -6.98 20.72
C ARG B 47 -6.89 -8.18 21.21
N ALA B 48 -7.02 -9.35 20.56
CA ALA B 48 -6.32 -10.60 20.97
C ALA B 48 -4.82 -10.43 20.82
N PHE B 49 -4.38 -9.71 19.78
CA PHE B 49 -2.96 -9.39 19.51
C PHE B 49 -2.40 -8.48 20.63
N SER B 50 -3.17 -7.47 21.06
CA SER B 50 -2.81 -6.61 22.22
C SER B 50 -2.50 -7.48 23.44
N ASP B 51 -3.29 -8.53 23.67
CA ASP B 51 -3.14 -9.45 24.84
C ASP B 51 -1.79 -10.17 24.74
N LEU B 52 -1.38 -10.57 23.52
CA LEU B 52 -0.11 -11.32 23.26
C LEU B 52 1.12 -10.42 23.39
N THR B 53 1.09 -9.20 22.84
CA THR B 53 2.23 -8.25 22.88
C THR B 53 2.49 -7.78 24.32
N SER B 54 1.43 -7.63 25.13
CA SER B 54 1.52 -7.14 26.53
C SER B 54 2.28 -8.14 27.41
N GLN B 55 2.36 -9.41 27.01
CA GLN B 55 3.02 -10.50 27.77
C GLN B 55 4.55 -10.48 27.63
N LEU B 56 5.12 -9.65 26.74
CA LEU B 56 6.58 -9.53 26.56
C LEU B 56 6.96 -8.08 26.23
N HIS B 57 7.45 -7.35 27.22
CA HIS B 57 8.10 -6.04 27.05
C HIS B 57 9.61 -6.25 27.01
N ILE B 58 10.19 -6.31 25.80
CA ILE B 58 11.63 -6.60 25.58
C ILE B 58 12.47 -5.48 26.21
N THR B 59 13.52 -5.87 26.94
CA THR B 59 14.59 -4.98 27.45
C THR B 59 15.92 -5.54 26.96
N PRO B 60 17.06 -4.81 27.11
CA PRO B 60 18.37 -5.37 26.79
C PRO B 60 18.71 -6.69 27.51
N GLY B 61 18.06 -6.98 28.63
CA GLY B 61 18.31 -8.17 29.47
C GLY B 61 17.38 -9.33 29.17
N THR B 62 16.44 -9.17 28.25
CA THR B 62 15.51 -10.27 27.81
C THR B 62 16.34 -11.36 27.13
N ALA B 63 16.13 -12.62 27.53
CA ALA B 63 16.72 -13.82 26.92
C ALA B 63 15.78 -14.35 25.83
N TYR B 64 16.33 -14.96 24.77
CA TYR B 64 15.56 -15.66 23.71
C TYR B 64 14.51 -16.57 24.36
N GLN B 65 14.89 -17.32 25.41
CA GLN B 65 14.00 -18.35 26.00
C GLN B 65 12.65 -17.72 26.37
N SER B 66 12.64 -16.48 26.86
CA SER B 66 11.41 -15.73 27.24
C SER B 66 10.54 -15.43 26.00
N PHE B 67 11.15 -15.08 24.87
CA PHE B 67 10.46 -14.86 23.57
C PHE B 67 9.87 -16.18 23.10
N GLU B 68 10.69 -17.24 23.15
CA GLU B 68 10.32 -18.62 22.73
C GLU B 68 9.12 -19.10 23.54
N GLN B 69 9.09 -18.84 24.85
CA GLN B 69 7.98 -19.34 25.71
C GLN B 69 6.68 -18.63 25.32
N VAL B 70 6.71 -17.32 25.08
CA VAL B 70 5.49 -16.52 24.72
C VAL B 70 5.02 -16.91 23.31
N VAL B 71 5.94 -17.08 22.36
CA VAL B 71 5.61 -17.44 20.96
C VAL B 71 4.96 -18.82 20.94
N ASN B 72 5.44 -19.76 21.78
CA ASN B 72 4.90 -21.14 21.87
C ASN B 72 3.38 -21.12 22.09
N GLU B 73 2.87 -20.10 22.79
CA GLU B 73 1.42 -19.94 23.08
C GLU B 73 0.62 -19.92 21.77
N LEU B 74 1.14 -19.29 20.71
CA LEU B 74 0.48 -19.22 19.39
C LEU B 74 0.28 -20.63 18.83
N PHE B 75 1.20 -21.54 19.15
CA PHE B 75 1.40 -22.83 18.43
C PHE B 75 1.07 -24.02 19.37
N ARG B 76 0.47 -23.76 20.52
CA ARG B 76 0.13 -24.84 21.48
C ARG B 76 -0.85 -25.82 20.83
N ASP B 77 -1.75 -25.35 19.97
CA ASP B 77 -2.78 -26.20 19.29
C ASP B 77 -2.29 -26.71 17.93
N GLY B 78 -1.04 -26.42 17.55
CA GLY B 78 -0.42 -26.86 16.29
C GLY B 78 -0.02 -25.67 15.42
N VAL B 79 0.70 -25.94 14.33
CA VAL B 79 1.14 -24.90 13.35
C VAL B 79 0.09 -24.83 12.25
N ASN B 80 -0.24 -23.61 11.80
CA ASN B 80 -1.01 -23.33 10.56
C ASN B 80 -0.50 -22.00 10.02
N TRP B 81 -0.82 -21.69 8.77
CA TRP B 81 -0.33 -20.45 8.13
C TRP B 81 -0.78 -19.21 8.89
N GLY B 82 -2.00 -19.19 9.43
CA GLY B 82 -2.52 -18.04 10.20
C GLY B 82 -1.67 -17.75 11.41
N ARG B 83 -1.28 -18.80 12.14
CA ARG B 83 -0.43 -18.67 13.37
C ARG B 83 0.98 -18.25 12.99
N ILE B 84 1.51 -18.68 11.84
CA ILE B 84 2.84 -18.22 11.37
C ILE B 84 2.77 -16.71 11.07
N VAL B 85 1.68 -16.25 10.47
CA VAL B 85 1.48 -14.79 10.21
C VAL B 85 1.46 -14.05 11.56
N ALA B 86 0.74 -14.58 12.54
CA ALA B 86 0.64 -13.98 13.91
C ALA B 86 2.06 -13.84 14.49
N PHE B 87 2.90 -14.85 14.28
CA PHE B 87 4.29 -14.91 14.77
C PHE B 87 5.12 -13.78 14.12
N PHE B 88 5.02 -13.61 12.81
CA PHE B 88 5.68 -12.49 12.10
C PHE B 88 5.18 -11.14 12.64
N SER B 89 3.87 -10.97 12.80
CA SER B 89 3.27 -9.72 13.33
C SER B 89 3.78 -9.44 14.76
N PHE B 90 3.87 -10.48 15.59
CA PHE B 90 4.41 -10.38 16.98
C PHE B 90 5.82 -9.77 16.96
N GLY B 91 6.70 -10.32 16.14
CA GLY B 91 8.08 -9.85 15.95
C GLY B 91 8.12 -8.41 15.51
N GLY B 92 7.29 -8.04 14.53
CA GLY B 92 7.18 -6.66 14.03
C GLY B 92 6.75 -5.69 15.13
N ALA B 93 5.78 -6.06 15.96
CA ALA B 93 5.26 -5.21 17.06
C ALA B 93 6.34 -4.99 18.12
N LEU B 94 7.10 -6.04 18.45
CA LEU B 94 8.23 -5.95 19.41
C LEU B 94 9.29 -4.99 18.84
N CYS B 95 9.55 -5.00 17.54
CA CYS B 95 10.54 -4.08 16.92
C CYS B 95 10.05 -2.64 17.01
N VAL B 96 8.80 -2.41 16.64
CA VAL B 96 8.22 -1.04 16.66
C VAL B 96 8.28 -0.50 18.09
N GLU B 97 7.88 -1.32 19.06
CA GLU B 97 7.85 -0.97 20.51
C GLU B 97 9.27 -0.58 20.96
N SER B 98 10.27 -1.39 20.58
CA SER B 98 11.71 -1.16 20.87
C SER B 98 12.16 0.20 20.34
N VAL B 99 11.82 0.54 19.10
CA VAL B 99 12.27 1.82 18.49
C VAL B 99 11.54 2.98 19.18
N ASP B 100 10.25 2.81 19.48
CA ASP B 100 9.43 3.83 20.19
C ASP B 100 10.15 4.21 21.50
N LYS B 101 10.76 3.24 22.19
CA LYS B 101 11.39 3.44 23.52
C LYS B 101 12.88 3.80 23.38
N GLU B 102 13.37 4.16 22.19
CA GLU B 102 14.82 4.42 21.92
C GLU B 102 15.66 3.25 22.46
N MET B 103 15.22 2.01 22.19
CA MET B 103 16.00 0.77 22.38
C MET B 103 16.17 0.11 21.00
N GLN B 104 16.74 0.88 20.06
CA GLN B 104 17.03 0.45 18.66
C GLN B 104 17.91 -0.80 18.68
N VAL B 105 18.77 -0.94 19.70
CA VAL B 105 19.71 -2.09 19.84
C VAL B 105 18.96 -3.43 19.69
N LEU B 106 17.64 -3.47 19.93
CA LEU B 106 16.88 -4.75 20.05
C LEU B 106 16.35 -5.24 18.70
N VAL B 107 16.31 -4.41 17.67
CA VAL B 107 15.69 -4.76 16.36
C VAL B 107 16.48 -5.92 15.73
N SER B 108 17.81 -5.82 15.71
CA SER B 108 18.73 -6.86 15.17
C SER B 108 18.58 -8.17 15.97
N ARG B 109 18.40 -8.06 17.29
CA ARG B 109 18.26 -9.22 18.19
C ARG B 109 16.92 -9.90 17.91
N ILE B 110 15.84 -9.12 17.79
CA ILE B 110 14.49 -9.70 17.53
C ILE B 110 14.51 -10.44 16.19
N ALA B 111 15.14 -9.88 15.15
CA ALA B 111 15.28 -10.55 13.84
C ALA B 111 15.98 -11.91 14.01
N ALA B 112 17.08 -11.94 14.77
CA ALA B 112 17.86 -13.18 15.08
C ALA B 112 16.97 -14.19 15.81
N TRP B 113 16.27 -13.75 16.84
CA TRP B 113 15.32 -14.62 17.58
C TRP B 113 14.28 -15.20 16.61
N MET B 114 13.73 -14.37 15.74
CA MET B 114 12.66 -14.86 14.82
C MET B 114 13.24 -15.95 13.92
N ALA B 115 14.47 -15.76 13.40
CA ALA B 115 15.12 -16.77 12.52
C ALA B 115 15.39 -18.03 13.32
N THR B 116 15.78 -17.92 14.59
CA THR B 116 16.01 -19.09 15.49
C THR B 116 14.70 -19.85 15.65
N TYR B 117 13.62 -19.14 15.97
CA TYR B 117 12.29 -19.76 16.23
C TYR B 117 11.80 -20.46 14.96
N LEU B 118 11.95 -19.84 13.79
CA LEU B 118 11.56 -20.45 12.48
C LEU B 118 12.34 -21.76 12.29
N ASN B 119 13.66 -21.73 12.46
CA ASN B 119 14.53 -22.91 12.26
C ASN B 119 14.06 -24.05 13.18
N ASP B 120 13.86 -23.72 14.47
CA ASP B 120 13.67 -24.71 15.55
C ASP B 120 12.24 -25.29 15.51
N HIS B 121 11.23 -24.50 15.14
CA HIS B 121 9.81 -24.84 15.45
C HIS B 121 8.90 -24.90 14.22
N LEU B 122 9.17 -24.12 13.17
CA LEU B 122 8.18 -23.85 12.08
C LEU B 122 8.64 -24.43 10.74
N GLU B 123 9.93 -24.38 10.44
CA GLU B 123 10.48 -24.76 9.11
C GLU B 123 10.16 -26.22 8.76
N PRO B 124 10.24 -27.21 9.68
CA PRO B 124 9.84 -28.58 9.35
C PRO B 124 8.39 -28.65 8.82
N TRP B 125 7.49 -27.89 9.48
CA TRP B 125 6.04 -27.84 9.12
C TRP B 125 5.92 -27.15 7.77
N ILE B 126 6.65 -26.04 7.59
CA ILE B 126 6.59 -25.26 6.33
C ILE B 126 7.00 -26.17 5.17
N GLN B 127 8.10 -26.92 5.34
CA GLN B 127 8.66 -27.73 4.24
C GLN B 127 7.74 -28.91 3.95
N GLU B 128 7.02 -29.47 4.94
CA GLU B 128 6.14 -30.66 4.67
C GLU B 128 4.76 -30.19 4.21
N ASN B 129 4.52 -28.88 4.13
CA ASN B 129 3.20 -28.30 3.77
C ASN B 129 3.35 -27.49 2.47
N GLY B 130 4.39 -27.77 1.66
CA GLY B 130 4.56 -27.26 0.29
C GLY B 130 5.37 -25.97 0.23
N GLY B 131 5.90 -25.53 1.37
CA GLY B 131 6.75 -24.34 1.45
C GLY B 131 5.96 -23.04 1.33
N TRP B 132 6.68 -21.95 1.29
CA TRP B 132 6.10 -20.61 1.11
C TRP B 132 5.34 -20.50 -0.22
N ASP B 133 5.71 -21.28 -1.24
CA ASP B 133 4.98 -21.35 -2.53
C ASP B 133 3.52 -21.69 -2.24
N THR B 134 3.24 -22.57 -1.29
CA THR B 134 1.86 -23.00 -0.96
C THR B 134 1.11 -21.85 -0.27
N PHE B 135 1.75 -21.16 0.66
CA PHE B 135 1.21 -19.94 1.32
C PHE B 135 0.71 -18.95 0.25
N VAL B 136 1.55 -18.65 -0.74
CA VAL B 136 1.19 -17.68 -1.83
C VAL B 136 -0.03 -18.20 -2.58
N GLU B 137 -0.11 -19.51 -2.82
CA GLU B 137 -1.26 -20.14 -3.51
C GLU B 137 -2.55 -19.96 -2.70
N LEU B 138 -2.47 -20.10 -1.38
CA LEU B 138 -3.63 -20.06 -0.44
C LEU B 138 -3.99 -18.64 0.01
N TYR B 139 -3.07 -17.67 -0.07
CA TYR B 139 -3.33 -16.32 0.49
C TYR B 139 -3.07 -15.23 -0.56
N GLY B 140 -2.12 -15.41 -1.49
CA GLY B 140 -1.73 -14.33 -2.43
C GLY B 140 -2.90 -13.86 -3.28
N ASN B 141 -2.97 -12.55 -3.54
CA ASN B 141 -3.89 -11.92 -4.52
C ASN B 141 -3.10 -11.67 -5.80
N ASN B 142 -2.87 -12.70 -6.60
CA ASN B 142 -1.98 -12.65 -7.80
C ASN B 142 -2.84 -12.89 -9.03
N ALA B 143 -2.49 -12.24 -10.14
CA ALA B 143 -3.15 -12.34 -11.45
C ALA B 143 -2.80 -13.71 -12.07
N SER C 4 -24.19 -35.87 10.34
CA SER C 4 -25.63 -36.28 10.45
C SER C 4 -26.18 -35.81 11.80
N LEU C 5 -25.53 -36.20 12.89
CA LEU C 5 -25.84 -35.71 14.26
C LEU C 5 -25.45 -34.23 14.36
N GLU C 6 -24.36 -33.81 13.72
CA GLU C 6 -23.94 -32.37 13.64
C GLU C 6 -24.99 -31.59 12.83
N ILE C 7 -25.53 -32.18 11.77
CA ILE C 7 -26.62 -31.55 10.97
C ILE C 7 -27.87 -31.44 11.86
N GLU C 8 -28.20 -32.50 12.59
CA GLU C 8 -29.35 -32.52 13.53
C GLU C 8 -29.22 -31.40 14.57
N GLU C 9 -28.04 -31.23 15.17
CA GLU C 9 -27.77 -30.18 16.18
C GLU C 9 -28.04 -28.80 15.59
N LEU C 10 -27.61 -28.56 14.34
CA LEU C 10 -27.71 -27.23 13.71
C LEU C 10 -29.19 -26.93 13.38
N ALA C 11 -29.92 -27.93 12.89
CA ALA C 11 -31.39 -27.84 12.65
C ALA C 11 -32.13 -27.50 13.95
N ARG C 12 -31.80 -28.19 15.03
CA ARG C 12 -32.37 -28.00 16.40
C ARG C 12 -32.05 -26.57 16.88
N PHE C 13 -30.80 -26.14 16.71
CA PHE C 13 -30.37 -24.75 17.00
C PHE C 13 -31.20 -23.75 16.18
N ALA C 14 -31.37 -23.96 14.87
CA ALA C 14 -32.17 -23.07 13.99
C ALA C 14 -33.57 -22.90 14.58
N VAL C 15 -34.27 -23.98 14.90
CA VAL C 15 -35.63 -23.91 15.49
C VAL C 15 -35.58 -23.15 16.83
N ASP C 16 -34.66 -23.48 17.73
CA ASP C 16 -34.54 -22.86 19.07
C ASP C 16 -34.34 -21.34 18.92
N GLU C 17 -33.47 -20.94 17.99
CA GLU C 17 -33.09 -19.52 17.77
C GLU C 17 -34.26 -18.76 17.15
N HIS C 18 -34.93 -19.33 16.15
CA HIS C 18 -36.22 -18.82 15.62
C HIS C 18 -37.21 -18.61 16.76
N ASN C 19 -37.40 -19.62 17.63
CA ASN C 19 -38.44 -19.52 18.67
C ASN C 19 -38.07 -18.40 19.66
N LYS C 20 -36.79 -18.28 19.99
CA LYS C 20 -36.24 -17.23 20.89
C LYS C 20 -36.48 -15.84 20.24
N LYS C 21 -36.14 -15.69 18.96
CA LYS C 21 -36.21 -14.38 18.24
C LYS C 21 -37.66 -13.95 17.99
N GLU C 22 -38.58 -14.88 17.72
CA GLU C 22 -39.97 -14.56 17.27
C GLU C 22 -41.01 -14.95 18.32
N ASN C 23 -40.60 -15.27 19.56
CA ASN C 23 -41.53 -15.71 20.65
C ASN C 23 -42.43 -16.83 20.10
N ALA C 24 -41.89 -17.77 19.34
CA ALA C 24 -42.66 -18.86 18.69
C ALA C 24 -42.47 -20.19 19.43
N LEU C 25 -43.23 -21.21 19.03
CA LEU C 25 -43.19 -22.55 19.69
C LEU C 25 -43.06 -23.68 18.67
N LEU C 26 -42.34 -23.49 17.58
CA LEU C 26 -42.13 -24.56 16.57
C LEU C 26 -41.42 -25.76 17.19
N GLU C 27 -41.82 -26.99 16.87
CA GLU C 27 -41.20 -28.20 17.47
C GLU C 27 -40.41 -28.92 16.40
N PHE C 28 -39.10 -29.06 16.57
CA PHE C 28 -38.24 -29.81 15.62
C PHE C 28 -38.75 -31.25 15.49
N VAL C 29 -38.88 -31.74 14.26
CA VAL C 29 -39.16 -33.18 13.96
C VAL C 29 -37.91 -33.82 13.37
N ARG C 30 -37.45 -33.35 12.21
CA ARG C 30 -36.28 -33.96 11.53
C ARG C 30 -35.75 -33.06 10.41
N VAL C 31 -34.52 -33.35 9.98
CA VAL C 31 -33.86 -32.72 8.79
C VAL C 31 -34.31 -33.51 7.58
N VAL C 32 -34.70 -32.83 6.49
CA VAL C 32 -35.22 -33.47 5.24
C VAL C 32 -34.13 -33.38 4.16
N LYS C 33 -33.36 -32.30 4.15
CA LYS C 33 -32.19 -32.18 3.25
C LYS C 33 -31.23 -31.15 3.84
N ALA C 34 -29.94 -31.33 3.54
CA ALA C 34 -28.85 -30.43 3.97
C ALA C 34 -27.86 -30.25 2.82
N LYS C 35 -27.60 -28.99 2.44
CA LYS C 35 -26.47 -28.58 1.55
C LYS C 35 -25.44 -27.86 2.42
N GLU C 36 -24.16 -27.99 2.10
CA GLU C 36 -23.07 -27.28 2.83
C GLU C 36 -22.07 -26.73 1.81
N GLN C 37 -21.61 -25.50 2.03
CA GLN C 37 -20.48 -24.85 1.32
C GLN C 37 -19.46 -24.44 2.37
N GLU C 38 -18.21 -24.23 1.96
CA GLU C 38 -17.13 -23.77 2.86
C GLU C 38 -16.58 -22.47 2.26
N ARG C 39 -16.45 -21.43 3.06
CA ARG C 39 -15.62 -20.24 2.70
C ARG C 39 -14.50 -20.11 3.74
N ASN C 40 -13.27 -19.86 3.30
CA ASN C 40 -12.17 -19.77 4.28
C ASN C 40 -10.99 -18.98 3.73
N SER C 41 -10.31 -18.38 4.70
CA SER C 41 -9.02 -17.67 4.56
C SER C 41 -8.04 -18.40 5.49
N ILE C 42 -6.80 -17.94 5.58
CA ILE C 42 -5.85 -18.55 6.56
C ILE C 42 -6.29 -18.17 7.98
N PHE C 43 -7.20 -17.21 8.18
CA PHE C 43 -7.59 -16.74 9.55
C PHE C 43 -8.92 -17.35 10.03
N GLU C 44 -9.85 -17.65 9.13
CA GLU C 44 -11.25 -17.94 9.52
C GLU C 44 -11.82 -19.00 8.58
N GLU C 45 -12.56 -19.95 9.13
CA GLU C 45 -13.35 -20.94 8.36
C GLU C 45 -14.83 -20.64 8.60
N PHE C 46 -15.61 -20.53 7.53
CA PHE C 46 -17.09 -20.62 7.49
C PHE C 46 -17.52 -21.91 6.79
N THR C 47 -18.36 -22.73 7.46
CA THR C 47 -19.13 -23.82 6.85
C THR C 47 -20.60 -23.37 6.88
N MET C 48 -21.22 -23.23 5.70
CA MET C 48 -22.57 -22.63 5.53
C MET C 48 -23.56 -23.75 5.19
N TYR C 49 -24.57 -23.90 6.05
CA TYR C 49 -25.60 -24.96 5.95
C TYR C 49 -26.92 -24.35 5.48
N TYR C 50 -27.47 -24.93 4.42
CA TYR C 50 -28.83 -24.68 3.88
C TYR C 50 -29.63 -25.91 4.24
N LEU C 51 -30.49 -25.74 5.25
CA LEU C 51 -31.22 -26.84 5.91
C LEU C 51 -32.69 -26.73 5.48
N THR C 52 -33.27 -27.86 5.10
CA THR C 52 -34.73 -28.04 5.01
C THR C 52 -35.10 -28.97 6.16
N LEU C 53 -36.01 -28.51 7.00
CA LEU C 53 -36.37 -29.28 8.21
C LEU C 53 -37.89 -29.29 8.31
N GLU C 54 -38.38 -30.32 8.97
CA GLU C 54 -39.81 -30.47 9.33
C GLU C 54 -39.94 -30.01 10.78
N ALA C 55 -40.90 -29.14 11.07
CA ALA C 55 -41.29 -28.78 12.45
C ALA C 55 -42.81 -28.69 12.57
N LYS C 56 -43.32 -28.92 13.78
CA LYS C 56 -44.77 -28.82 14.10
C LYS C 56 -45.06 -27.37 14.52
N ASP C 57 -46.03 -26.74 13.85
CA ASP C 57 -46.66 -25.46 14.25
C ASP C 57 -48.06 -25.80 14.77
N GLY C 58 -48.28 -25.71 16.07
CA GLY C 58 -49.53 -26.16 16.68
C GLY C 58 -49.85 -27.61 16.32
N GLY C 59 -48.84 -28.47 16.27
CA GLY C 59 -48.97 -29.93 16.08
C GLY C 59 -49.06 -30.36 14.64
N LYS C 60 -49.21 -29.42 13.69
CA LYS C 60 -49.22 -29.68 12.22
C LYS C 60 -47.78 -29.60 11.66
N LYS C 61 -47.30 -30.69 11.05
CA LYS C 61 -45.96 -30.77 10.38
C LYS C 61 -45.90 -29.84 9.16
N LYS C 62 -44.88 -28.98 9.10
CA LYS C 62 -44.62 -28.08 7.95
C LYS C 62 -43.11 -28.05 7.70
N LEU C 63 -42.73 -27.62 6.48
CA LEU C 63 -41.33 -27.53 6.02
C LEU C 63 -40.84 -26.10 6.19
N TYR C 64 -39.60 -25.98 6.63
CA TYR C 64 -38.93 -24.67 6.84
C TYR C 64 -37.54 -24.78 6.25
N GLU C 65 -37.08 -23.66 5.68
CA GLU C 65 -35.69 -23.47 5.22
C GLU C 65 -34.99 -22.58 6.25
N ALA C 66 -33.85 -23.04 6.74
CA ALA C 66 -32.96 -22.30 7.65
C ALA C 66 -31.59 -22.16 6.99
N LYS C 67 -30.93 -21.03 7.23
CA LYS C 67 -29.49 -20.85 6.90
C LYS C 67 -28.74 -20.66 8.22
N VAL C 68 -27.81 -21.56 8.52
CA VAL C 68 -26.98 -21.56 9.75
C VAL C 68 -25.50 -21.50 9.35
N TRP C 69 -24.72 -20.58 9.93
CA TRP C 69 -23.25 -20.51 9.75
C TRP C 69 -22.53 -21.03 11.00
N VAL C 70 -21.52 -21.88 10.78
CA VAL C 70 -20.54 -22.31 11.81
C VAL C 70 -19.22 -21.62 11.45
N LYS C 71 -18.76 -20.72 12.33
CA LYS C 71 -17.50 -19.94 12.19
C LYS C 71 -16.44 -20.49 13.14
N ARG C 72 -15.20 -20.53 12.66
CA ARG C 72 -14.02 -20.96 13.44
C ARG C 72 -12.91 -19.96 13.19
N ASP C 73 -12.35 -19.43 14.27
CA ASP C 73 -11.11 -18.63 14.29
C ASP C 73 -9.96 -19.64 14.24
N LEU C 74 -9.17 -19.64 13.15
CA LEU C 74 -8.07 -20.63 12.96
C LEU C 74 -6.84 -20.20 13.73
N VAL C 75 -6.78 -18.97 14.22
CA VAL C 75 -5.56 -18.52 14.94
C VAL C 75 -5.72 -18.81 16.44
N PHE C 76 -6.68 -18.18 17.11
CA PHE C 76 -6.81 -18.20 18.60
C PHE C 76 -7.97 -19.10 19.06
N GLY C 77 -8.87 -19.53 18.18
CA GLY C 77 -10.06 -20.29 18.56
C GLY C 77 -9.71 -21.67 19.10
N GLY C 78 -10.61 -22.27 19.90
CA GLY C 78 -10.50 -23.67 20.35
C GLY C 78 -11.23 -24.60 19.39
N PRO C 79 -11.57 -25.84 19.82
CA PRO C 79 -12.50 -26.68 19.06
C PRO C 79 -13.95 -26.16 19.09
N GLU C 80 -14.34 -25.47 20.17
CA GLU C 80 -15.73 -24.98 20.43
C GLU C 80 -16.07 -23.86 19.44
N ASN C 81 -16.74 -24.20 18.33
CA ASN C 81 -17.10 -23.27 17.23
C ASN C 81 -18.29 -22.39 17.64
N PHE C 82 -18.64 -21.45 16.77
CA PHE C 82 -19.70 -20.42 16.93
C PHE C 82 -20.78 -20.64 15.87
N LYS C 83 -22.01 -20.96 16.30
CA LYS C 83 -23.23 -21.08 15.45
C LYS C 83 -23.95 -19.71 15.40
N GLU C 84 -24.56 -19.35 14.26
CA GLU C 84 -25.49 -18.19 14.15
C GLU C 84 -26.61 -18.50 13.14
N LEU C 85 -27.84 -18.11 13.46
CA LEU C 85 -29.03 -18.26 12.57
C LEU C 85 -29.16 -17.01 11.71
N GLN C 86 -29.10 -17.15 10.39
CA GLN C 86 -29.12 -16.00 9.44
C GLN C 86 -30.52 -15.83 8.86
N GLU C 87 -31.17 -16.92 8.45
CA GLU C 87 -32.55 -16.89 7.90
C GLU C 87 -33.33 -18.12 8.36
N PHE C 88 -34.63 -17.96 8.57
CA PHE C 88 -35.60 -19.03 8.90
C PHE C 88 -36.97 -18.67 8.32
N LYS C 89 -37.45 -19.45 7.34
CA LYS C 89 -38.72 -19.17 6.63
C LYS C 89 -39.46 -20.48 6.30
N PRO C 90 -40.82 -20.48 6.31
CA PRO C 90 -41.62 -21.62 5.85
C PRO C 90 -41.52 -22.01 4.36
N SER D 4 7.45 42.29 -2.51
CA SER D 4 6.59 43.52 -2.46
C SER D 4 6.65 44.28 -3.79
N LEU D 5 7.79 44.22 -4.49
CA LEU D 5 7.97 44.75 -5.88
C LEU D 5 7.39 43.77 -6.88
N GLU D 6 7.64 42.46 -6.69
CA GLU D 6 7.19 41.38 -7.60
C GLU D 6 5.71 41.08 -7.38
N ILE D 7 5.18 41.42 -6.19
CA ILE D 7 3.71 41.40 -5.88
C ILE D 7 3.03 42.49 -6.74
N GLU D 8 3.68 43.66 -6.87
CA GLU D 8 3.10 44.79 -7.62
C GLU D 8 2.97 44.38 -9.09
N GLU D 9 3.96 43.68 -9.65
CA GLU D 9 3.91 43.21 -11.06
C GLU D 9 2.76 42.22 -11.27
N LEU D 10 2.48 41.35 -10.27
CA LEU D 10 1.39 40.34 -10.39
C LEU D 10 0.03 41.02 -10.28
N ALA D 11 -0.09 42.04 -9.42
CA ALA D 11 -1.31 42.86 -9.25
C ALA D 11 -1.59 43.64 -10.54
N ARG D 12 -0.55 44.24 -11.13
CA ARG D 12 -0.60 44.92 -12.46
C ARG D 12 -1.09 43.92 -13.49
N PHE D 13 -0.54 42.70 -13.46
CA PHE D 13 -0.92 41.59 -14.37
C PHE D 13 -2.41 41.25 -14.17
N ALA D 14 -2.89 41.18 -12.93
CA ALA D 14 -4.29 40.84 -12.61
C ALA D 14 -5.22 41.91 -13.23
N VAL D 15 -4.91 43.19 -13.02
CA VAL D 15 -5.72 44.32 -13.60
C VAL D 15 -5.67 44.22 -15.12
N ASP D 16 -4.46 44.12 -15.66
CA ASP D 16 -4.19 44.14 -17.12
C ASP D 16 -4.85 42.92 -17.75
N GLU D 17 -4.86 41.79 -17.05
CA GLU D 17 -5.50 40.52 -17.50
C GLU D 17 -7.02 40.63 -17.40
N HIS D 18 -7.54 41.22 -16.33
CA HIS D 18 -8.99 41.50 -16.17
C HIS D 18 -9.48 42.43 -17.29
N ASN D 19 -8.73 43.50 -17.59
CA ASN D 19 -9.11 44.51 -18.62
C ASN D 19 -9.12 43.87 -20.00
N LYS D 20 -8.08 43.11 -20.33
CA LYS D 20 -7.93 42.35 -21.60
C LYS D 20 -9.15 41.42 -21.74
N LYS D 21 -9.46 40.67 -20.70
CA LYS D 21 -10.50 39.59 -20.74
C LYS D 21 -11.92 40.18 -20.73
N GLU D 22 -12.20 41.26 -20.00
CA GLU D 22 -13.59 41.77 -19.84
C GLU D 22 -13.82 43.05 -20.67
N ASN D 23 -12.84 43.45 -21.50
CA ASN D 23 -12.92 44.71 -22.31
C ASN D 23 -13.20 45.85 -21.32
N ALA D 24 -12.42 45.94 -20.24
CA ALA D 24 -12.59 46.95 -19.16
C ALA D 24 -11.38 47.88 -19.16
N LEU D 25 -11.46 48.99 -18.45
CA LEU D 25 -10.39 50.01 -18.44
C LEU D 25 -10.04 50.35 -17.00
N LEU D 26 -10.05 49.38 -16.08
CA LEU D 26 -9.60 49.65 -14.69
C LEU D 26 -8.14 50.12 -14.76
N GLU D 27 -7.79 51.05 -13.88
CA GLU D 27 -6.43 51.67 -13.85
C GLU D 27 -5.80 51.34 -12.51
N PHE D 28 -4.77 50.48 -12.52
CA PHE D 28 -4.01 50.05 -11.32
C PHE D 28 -3.48 51.31 -10.60
N VAL D 29 -3.76 51.43 -9.30
CA VAL D 29 -3.17 52.46 -8.39
C VAL D 29 -2.04 51.84 -7.55
N ARG D 30 -2.34 50.80 -6.74
CA ARG D 30 -1.37 50.19 -5.79
C ARG D 30 -1.90 48.86 -5.22
N VAL D 31 -1.00 48.07 -4.62
CA VAL D 31 -1.32 46.87 -3.81
C VAL D 31 -1.59 47.32 -2.38
N VAL D 32 -2.80 47.06 -1.86
CA VAL D 32 -3.20 47.35 -0.46
C VAL D 32 -2.60 46.25 0.45
N LYS D 33 -2.87 44.98 0.15
CA LYS D 33 -2.26 43.85 0.91
C LYS D 33 -2.16 42.63 -0.02
N ALA D 34 -1.30 41.68 0.37
CA ALA D 34 -1.03 40.45 -0.39
C ALA D 34 -0.75 39.30 0.60
N LYS D 35 -1.29 38.12 0.31
CA LYS D 35 -1.01 36.84 1.00
C LYS D 35 -0.48 35.86 -0.06
N GLU D 36 0.45 34.98 0.32
CA GLU D 36 0.93 33.88 -0.57
C GLU D 36 0.81 32.55 0.16
N GLN D 37 0.40 31.50 -0.55
CA GLN D 37 0.57 30.09 -0.09
C GLN D 37 1.39 29.38 -1.18
N GLU D 38 2.29 28.47 -0.83
CA GLU D 38 3.19 27.82 -1.83
C GLU D 38 3.12 26.31 -1.68
N ARG D 39 3.27 25.58 -2.79
CA ARG D 39 3.54 24.12 -2.77
C ARG D 39 4.63 23.88 -3.80
N ASN D 40 5.86 23.69 -3.33
CA ASN D 40 7.02 23.40 -4.23
C ASN D 40 7.48 21.98 -3.91
N SER D 41 7.30 21.08 -4.86
CA SER D 41 7.69 19.66 -4.77
C SER D 41 8.77 19.39 -5.82
N ILE D 42 9.22 18.15 -5.92
CA ILE D 42 10.19 17.74 -6.97
C ILE D 42 9.49 17.76 -8.33
N PHE D 43 8.16 17.82 -8.37
CA PHE D 43 7.37 17.79 -9.61
C PHE D 43 6.91 19.17 -10.08
N GLU D 44 6.66 20.09 -9.16
CA GLU D 44 5.98 21.36 -9.54
C GLU D 44 6.34 22.46 -8.57
N GLU D 45 6.42 23.69 -9.07
CA GLU D 45 6.49 24.95 -8.29
C GLU D 45 5.12 25.61 -8.46
N PHE D 46 4.43 25.91 -7.37
CA PHE D 46 3.08 26.51 -7.34
C PHE D 46 3.04 27.55 -6.23
N THR D 47 2.82 28.81 -6.58
CA THR D 47 2.51 29.86 -5.58
C THR D 47 1.12 30.42 -5.91
N MET D 48 0.24 30.54 -4.91
CA MET D 48 -1.03 31.25 -5.10
C MET D 48 -0.97 32.57 -4.31
N TYR D 49 -1.27 33.66 -5.01
CA TYR D 49 -1.26 35.05 -4.49
C TYR D 49 -2.70 35.51 -4.34
N TYR D 50 -3.06 36.03 -3.16
CA TYR D 50 -4.33 36.74 -2.89
C TYR D 50 -3.98 38.21 -2.73
N LEU D 51 -4.36 39.03 -3.70
CA LEU D 51 -3.98 40.45 -3.72
C LEU D 51 -5.25 41.27 -3.49
N THR D 52 -5.24 42.22 -2.56
CA THR D 52 -6.25 43.31 -2.54
C THR D 52 -5.56 44.53 -3.14
N LEU D 53 -6.18 45.10 -4.17
CA LEU D 53 -5.57 46.24 -4.87
C LEU D 53 -6.62 47.34 -5.00
N GLU D 54 -6.11 48.55 -5.17
CA GLU D 54 -6.92 49.73 -5.49
C GLU D 54 -6.76 50.00 -6.99
N ALA D 55 -7.88 50.17 -7.69
CA ALA D 55 -7.92 50.51 -9.12
C ALA D 55 -9.03 51.53 -9.38
N LYS D 56 -8.86 52.37 -10.40
CA LYS D 56 -9.88 53.40 -10.78
C LYS D 56 -10.78 52.80 -11.88
N ASP D 57 -12.10 52.79 -11.66
CA ASP D 57 -13.15 52.46 -12.66
C ASP D 57 -13.84 53.76 -13.08
N GLY D 58 -13.58 54.23 -14.30
CA GLY D 58 -13.97 55.59 -14.72
C GLY D 58 -13.56 56.62 -13.68
N GLY D 59 -12.27 56.68 -13.36
CA GLY D 59 -11.65 57.72 -12.51
C GLY D 59 -11.87 57.50 -11.01
N LYS D 60 -12.83 56.65 -10.62
CA LYS D 60 -13.20 56.41 -9.19
C LYS D 60 -12.39 55.22 -8.65
N LYS D 61 -11.54 55.48 -7.64
CA LYS D 61 -10.76 54.47 -6.89
C LYS D 61 -11.72 53.49 -6.20
N LYS D 62 -11.50 52.18 -6.40
CA LYS D 62 -12.26 51.09 -5.74
C LYS D 62 -11.29 49.95 -5.35
N LEU D 63 -11.71 49.11 -4.41
CA LEU D 63 -10.94 47.94 -3.89
C LEU D 63 -11.40 46.69 -4.62
N TYR D 64 -10.43 45.89 -5.08
CA TYR D 64 -10.65 44.59 -5.78
C TYR D 64 -9.77 43.54 -5.09
N GLU D 65 -10.25 42.30 -5.08
CA GLU D 65 -9.42 41.15 -4.68
C GLU D 65 -9.18 40.32 -5.94
N ALA D 66 -7.92 39.94 -6.18
CA ALA D 66 -7.50 39.09 -7.32
C ALA D 66 -6.78 37.86 -6.78
N LYS D 67 -7.05 36.70 -7.37
CA LYS D 67 -6.32 35.43 -7.12
C LYS D 67 -5.47 35.13 -8.35
N VAL D 68 -4.16 35.09 -8.16
CA VAL D 68 -3.19 34.82 -9.25
C VAL D 68 -2.40 33.57 -8.87
N TRP D 69 -2.27 32.64 -9.82
CA TRP D 69 -1.50 31.38 -9.64
C TRP D 69 -0.24 31.46 -10.50
N VAL D 70 0.90 31.06 -9.97
CA VAL D 70 2.17 30.96 -10.75
C VAL D 70 2.65 29.50 -10.61
N LYS D 71 2.81 28.80 -11.72
CA LYS D 71 3.14 27.34 -11.72
C LYS D 71 4.30 27.09 -12.67
N ARG D 72 5.16 26.15 -12.33
CA ARG D 72 6.10 25.56 -13.30
C ARG D 72 6.04 24.05 -13.10
N ASP D 73 5.84 23.29 -14.18
CA ASP D 73 5.93 21.81 -14.15
C ASP D 73 7.41 21.46 -14.33
N LEU D 74 8.04 20.85 -13.32
CA LEU D 74 9.50 20.55 -13.35
C LEU D 74 9.78 19.29 -14.18
N VAL D 75 8.74 18.53 -14.51
CA VAL D 75 8.91 17.28 -15.31
C VAL D 75 8.78 17.58 -16.80
N PHE D 76 7.60 17.96 -17.28
CA PHE D 76 7.28 18.10 -18.72
C PHE D 76 7.28 19.59 -19.14
N GLY D 77 7.53 20.52 -18.24
CA GLY D 77 7.47 21.97 -18.53
C GLY D 77 8.76 22.52 -19.12
N GLY D 78 8.74 23.78 -19.56
CA GLY D 78 9.93 24.50 -20.03
C GLY D 78 10.62 25.24 -18.88
N PRO D 79 11.64 26.08 -19.16
CA PRO D 79 12.19 27.00 -18.16
C PRO D 79 11.11 28.00 -17.69
N GLU D 80 10.20 28.32 -18.62
CA GLU D 80 9.04 29.25 -18.48
C GLU D 80 8.20 28.91 -17.24
N ASN D 81 7.93 29.91 -16.40
CA ASN D 81 6.79 29.96 -15.43
C ASN D 81 5.49 30.21 -16.21
N PHE D 82 4.35 30.09 -15.56
CA PHE D 82 2.99 30.37 -16.14
C PHE D 82 2.16 31.10 -15.07
N LYS D 83 1.85 32.38 -15.32
CA LYS D 83 0.93 33.23 -14.50
C LYS D 83 -0.50 33.02 -15.00
N GLU D 84 -1.47 32.84 -14.10
CA GLU D 84 -2.90 32.72 -14.48
C GLU D 84 -3.76 33.51 -13.47
N LEU D 85 -4.59 34.43 -13.96
CA LEU D 85 -5.66 35.05 -13.14
C LEU D 85 -6.79 34.03 -12.93
N GLN D 86 -7.11 33.75 -11.67
CA GLN D 86 -8.19 32.81 -11.25
C GLN D 86 -9.47 33.56 -10.93
N GLU D 87 -9.38 34.73 -10.30
CA GLU D 87 -10.56 35.47 -9.79
C GLU D 87 -10.17 36.95 -9.70
N PHE D 88 -11.15 37.82 -9.93
CA PHE D 88 -10.99 39.29 -9.88
C PHE D 88 -12.36 39.91 -9.59
N LYS D 89 -12.58 40.44 -8.38
CA LYS D 89 -13.91 41.00 -7.98
C LYS D 89 -13.73 42.20 -7.05
N PRO D 90 -14.71 43.13 -7.01
CA PRO D 90 -14.61 44.37 -6.23
C PRO D 90 -14.51 44.23 -4.70
#